data_8IZG
#
_entry.id   8IZG
#
_cell.length_a   45.600
_cell.length_b   126.306
_cell.length_c   39.405
_cell.angle_alpha   90.00
_cell.angle_beta   90.00
_cell.angle_gamma   90.00
#
_symmetry.space_group_name_H-M   'P 21 21 2'
#
loop_
_entity.id
_entity.type
_entity.pdbx_description
1 polymer 'Butyrophilin subfamily 3 member A1'
2 non-polymer DI(HYDROXYETHYL)ETHER
3 non-polymer '[(2E)-3-(hydroxymethyl)hexa-2,5-dienyl] phosphono hydrogen phosphate'
4 non-polymer 1,2-ETHANEDIOL
5 water water
#
_entity_poly.entity_id   1
_entity_poly.type   'polypeptide(L)'
_entity_poly.pdbx_seq_one_letter_code
;MGAYNEWKKALFKPADVILDPKTANPILLVSEDQRSVQRAKEPQDLPDNPERFNWHYCVLGCESFISGRHYWEVEVGDRK
EWHIGVCSKNVQRKGWVKMTPENGFWTMGLTDGNKYRTLTEPRTNLKLPKPPKKVGVFLDYETGDISFYNAVDGSHIHTF
LDVSFSEALYPVFRILTLEPTALTICPALEHHHHHH
;
_entity_poly.pdbx_strand_id   A
#
# COMPACT_ATOMS: atom_id res chain seq x y z
N GLY A 2 15.04 -16.97 -7.58
CA GLY A 2 14.49 -18.04 -6.72
C GLY A 2 13.01 -18.29 -7.03
N ALA A 3 12.38 -19.06 -6.14
CA ALA A 3 11.01 -19.48 -6.36
C ALA A 3 10.09 -18.26 -6.45
N TYR A 4 10.32 -17.26 -5.60
CA TYR A 4 9.48 -16.06 -5.64
C TYR A 4 9.41 -15.52 -7.08
N ASN A 5 10.57 -15.30 -7.67
CA ASN A 5 10.55 -14.72 -9.01
C ASN A 5 10.00 -15.68 -10.07
N GLU A 6 10.33 -16.98 -9.93
CA GLU A 6 9.94 -17.95 -10.95
C GLU A 6 8.44 -18.25 -10.91
N TRP A 7 7.79 -18.13 -9.75
CA TRP A 7 6.42 -18.59 -9.58
C TRP A 7 5.38 -17.48 -9.46
N LYS A 8 5.81 -16.24 -9.12
CA LYS A 8 4.80 -15.24 -8.77
C LYS A 8 3.74 -15.08 -9.87
N LYS A 9 4.16 -15.00 -11.14
CA LYS A 9 3.22 -14.74 -12.23
C LYS A 9 2.38 -15.97 -12.55
N ALA A 10 2.85 -17.16 -12.12
CA ALA A 10 2.08 -18.37 -12.36
C ALA A 10 0.89 -18.44 -11.41
N LEU A 11 1.04 -17.79 -10.24
CA LEU A 11 -0.02 -17.87 -9.23
C LEU A 11 -0.85 -16.59 -9.14
N PHE A 12 -0.26 -15.44 -9.46
CA PHE A 12 -0.94 -14.16 -9.28
C PHE A 12 -0.82 -13.32 -10.55
N LYS A 13 -1.90 -12.64 -10.94
CA LYS A 13 -1.82 -11.80 -12.13
C LYS A 13 -1.06 -10.52 -11.78
N PRO A 14 -0.02 -10.15 -12.56
CA PRO A 14 0.70 -8.91 -12.29
C PRO A 14 -0.23 -7.73 -12.58
N ALA A 15 -0.51 -6.92 -11.55
CA ALA A 15 -1.31 -5.73 -11.73
C ALA A 15 -0.40 -4.60 -12.20
N ASP A 16 -0.92 -3.78 -13.10
CA ASP A 16 -0.23 -2.58 -13.54
C ASP A 16 -0.84 -1.44 -12.72
N VAL A 17 -0.19 -1.10 -11.61
CA VAL A 17 -0.82 -0.15 -10.69
C VAL A 17 -0.30 1.26 -11.01
N ILE A 18 -1.24 2.17 -11.25
CA ILE A 18 -0.87 3.57 -11.39
C ILE A 18 -1.66 4.37 -10.38
N LEU A 19 -0.96 5.34 -9.80
CA LEU A 19 -1.55 6.13 -8.73
C LEU A 19 -2.59 7.09 -9.29
N ASP A 20 -3.70 7.25 -8.54
CA ASP A 20 -4.80 8.12 -8.97
C ASP A 20 -4.67 9.49 -8.30
N PRO A 21 -4.25 10.55 -9.03
CA PRO A 21 -4.02 11.84 -8.38
C PRO A 21 -5.30 12.42 -7.75
N LYS A 22 -6.49 12.02 -8.22
CA LYS A 22 -7.73 12.56 -7.66
C LYS A 22 -7.96 12.07 -6.23
N THR A 23 -7.27 10.98 -5.83
CA THR A 23 -7.46 10.43 -4.50
C THR A 23 -6.45 10.97 -3.50
N ALA A 24 -5.35 11.55 -3.99
CA ALA A 24 -4.20 11.81 -3.13
C ALA A 24 -4.46 13.01 -2.22
N ASN A 25 -4.13 12.83 -0.93
CA ASN A 25 -4.19 13.96 0.01
C ASN A 25 -3.41 15.13 -0.59
N PRO A 26 -3.86 16.39 -0.41
CA PRO A 26 -3.18 17.52 -1.05
C PRO A 26 -1.74 17.77 -0.60
N ILE A 27 -1.27 17.10 0.46
CA ILE A 27 0.15 17.20 0.83
C ILE A 27 1.01 16.25 -0.01
N LEU A 28 0.39 15.38 -0.82
CA LEU A 28 1.16 14.41 -1.63
C LEU A 28 1.31 14.93 -3.05
N LEU A 29 2.42 14.56 -3.69
CA LEU A 29 2.64 14.81 -5.12
C LEU A 29 2.71 13.45 -5.80
N VAL A 30 1.94 13.26 -6.87
CA VAL A 30 2.03 12.06 -7.70
C VAL A 30 2.86 12.41 -8.94
N SER A 31 3.81 11.53 -9.27
CA SER A 31 4.71 11.82 -10.38
C SER A 31 3.97 11.79 -11.72
N GLU A 32 4.62 12.36 -12.75
CA GLU A 32 4.02 12.43 -14.09
C GLU A 32 3.68 11.02 -14.61
N ASP A 33 4.60 10.06 -14.38
CA ASP A 33 4.36 8.68 -14.83
C ASP A 33 3.38 7.92 -13.93
N GLN A 34 2.93 8.57 -12.85
CA GLN A 34 1.93 8.04 -11.92
C GLN A 34 2.42 6.76 -11.25
N ARG A 35 3.74 6.60 -11.10
CA ARG A 35 4.23 5.44 -10.38
C ARG A 35 4.87 5.82 -9.05
N SER A 36 4.99 7.12 -8.77
N SER A 36 5.11 7.11 -8.82
CA SER A 36 5.75 7.50 -7.60
CA SER A 36 5.80 7.52 -7.60
C SER A 36 5.04 8.60 -6.83
C SER A 36 4.96 8.54 -6.83
N VAL A 37 5.20 8.60 -5.51
CA VAL A 37 4.59 9.62 -4.66
C VAL A 37 5.63 10.23 -3.73
N GLN A 38 5.52 11.54 -3.53
CA GLN A 38 6.35 12.26 -2.59
C GLN A 38 5.46 13.13 -1.72
N ARG A 39 6.05 13.72 -0.69
CA ARG A 39 5.33 14.65 0.17
C ARG A 39 5.85 16.08 -0.01
N ALA A 40 4.93 17.04 0.08
CA ALA A 40 5.27 18.46 0.09
C ALA A 40 5.41 18.94 1.54
N LYS A 41 6.05 20.10 1.73
CA LYS A 41 6.08 20.68 3.08
C LYS A 41 4.70 21.15 3.53
N GLU A 42 3.91 21.68 2.58
CA GLU A 42 2.63 22.28 2.85
C GLU A 42 1.60 21.70 1.87
N PRO A 43 0.32 21.56 2.26
CA PRO A 43 -0.71 21.10 1.32
C PRO A 43 -0.80 22.03 0.10
N GLN A 44 -0.96 21.43 -1.08
CA GLN A 44 -1.19 22.17 -2.30
C GLN A 44 -2.66 22.56 -2.39
N ASP A 45 -2.96 23.49 -3.29
CA ASP A 45 -4.33 23.95 -3.51
C ASP A 45 -5.03 23.04 -4.52
N LEU A 46 -5.85 22.11 -4.03
CA LEU A 46 -6.58 21.18 -4.87
C LEU A 46 -8.03 21.15 -4.40
N PRO A 47 -8.98 20.68 -5.25
CA PRO A 47 -10.38 20.54 -4.84
C PRO A 47 -10.54 19.51 -3.72
N ASP A 48 -11.61 19.62 -2.91
CA ASP A 48 -11.90 18.60 -1.91
C ASP A 48 -12.95 17.65 -2.48
N ASN A 49 -12.66 17.10 -3.67
CA ASN A 49 -13.56 16.20 -4.39
C ASN A 49 -13.75 14.92 -3.56
N PRO A 50 -14.88 14.20 -3.73
CA PRO A 50 -15.22 13.12 -2.81
C PRO A 50 -14.21 11.97 -2.76
N GLU A 51 -13.47 11.75 -3.85
CA GLU A 51 -12.54 10.63 -3.88
C GLU A 51 -11.24 10.93 -3.11
N ARG A 52 -11.03 12.20 -2.70
CA ARG A 52 -9.74 12.56 -2.15
C ARG A 52 -9.68 12.31 -0.64
N PHE A 53 -8.58 11.68 -0.19
CA PHE A 53 -8.35 11.61 1.26
C PHE A 53 -7.99 13.00 1.77
N ASN A 54 -8.73 13.50 2.76
CA ASN A 54 -8.47 14.88 3.17
C ASN A 54 -7.73 14.95 4.50
N TRP A 55 -7.58 13.82 5.21
CA TRP A 55 -6.88 13.80 6.49
C TRP A 55 -5.66 12.88 6.42
N HIS A 56 -5.87 11.60 6.10
CA HIS A 56 -4.75 10.68 5.97
C HIS A 56 -3.94 10.99 4.71
N TYR A 57 -2.64 10.73 4.83
CA TYR A 57 -1.70 11.08 3.76
C TYR A 57 -1.59 9.91 2.79
N CYS A 58 -2.74 9.57 2.19
CA CYS A 58 -2.92 8.36 1.38
C CYS A 58 -3.24 8.72 -0.07
N VAL A 59 -2.94 7.75 -0.94
CA VAL A 59 -3.31 7.78 -2.35
C VAL A 59 -3.61 6.34 -2.75
N LEU A 60 -4.57 6.18 -3.67
CA LEU A 60 -4.96 4.85 -4.16
C LEU A 60 -4.44 4.62 -5.57
N GLY A 61 -4.41 3.33 -5.96
CA GLY A 61 -4.35 2.99 -7.38
C GLY A 61 -5.63 3.42 -8.10
N CYS A 62 -5.56 3.40 -9.43
CA CYS A 62 -6.68 3.82 -10.26
C CYS A 62 -7.70 2.70 -10.41
N GLU A 63 -7.27 1.44 -10.23
CA GLU A 63 -8.18 0.33 -10.47
C GLU A 63 -8.32 -0.50 -9.21
N SER A 64 -9.51 -1.06 -9.02
CA SER A 64 -9.82 -1.91 -7.89
C SER A 64 -10.07 -3.35 -8.35
N PHE A 65 -10.14 -4.24 -7.35
CA PHE A 65 -10.30 -5.67 -7.60
C PHE A 65 -11.53 -6.21 -6.85
N ILE A 66 -12.34 -7.05 -7.53
CA ILE A 66 -13.51 -7.67 -6.91
C ILE A 66 -13.44 -9.19 -6.94
N SER A 67 -12.37 -9.72 -7.54
CA SER A 67 -12.18 -11.15 -7.63
C SER A 67 -10.72 -11.42 -8.01
N GLY A 68 -10.31 -12.68 -7.91
CA GLY A 68 -9.05 -13.08 -8.53
C GLY A 68 -7.83 -12.93 -7.60
N ARG A 69 -6.68 -13.32 -8.17
CA ARG A 69 -5.37 -13.22 -7.52
C ARG A 69 -4.53 -12.22 -8.28
N HIS A 70 -3.92 -11.27 -7.54
CA HIS A 70 -3.20 -10.15 -8.14
C HIS A 70 -1.98 -9.79 -7.29
N TYR A 71 -0.95 -9.23 -7.92
CA TYR A 71 0.16 -8.72 -7.11
C TYR A 71 0.79 -7.49 -7.77
N TRP A 72 1.50 -6.73 -6.92
CA TRP A 72 2.32 -5.62 -7.40
C TRP A 72 3.48 -5.45 -6.46
N GLU A 73 4.50 -4.73 -6.94
CA GLU A 73 5.72 -4.58 -6.16
C GLU A 73 6.02 -3.09 -6.01
N VAL A 74 6.54 -2.76 -4.82
CA VAL A 74 6.79 -1.38 -4.44
C VAL A 74 8.23 -1.25 -4.00
N GLU A 75 8.95 -0.27 -4.56
CA GLU A 75 10.31 0.03 -4.11
C GLU A 75 10.22 1.05 -2.98
N VAL A 76 10.54 0.57 -1.78
CA VAL A 76 10.55 1.40 -0.57
C VAL A 76 11.97 1.96 -0.37
N GLY A 77 12.99 1.29 -0.93
CA GLY A 77 14.37 1.76 -0.82
C GLY A 77 14.79 2.03 0.62
N ASP A 78 15.50 3.15 0.81
CA ASP A 78 16.01 3.54 2.11
C ASP A 78 15.06 4.52 2.82
N ARG A 79 13.79 4.57 2.41
CA ARG A 79 12.86 5.42 3.17
C ARG A 79 12.80 4.99 4.63
N LYS A 80 12.56 5.98 5.49
CA LYS A 80 12.44 5.70 6.92
C LYS A 80 10.99 5.50 7.36
N GLU A 81 10.03 5.78 6.46
CA GLU A 81 8.61 5.67 6.85
C GLU A 81 7.80 5.42 5.58
N TRP A 82 6.88 4.47 5.66
CA TRP A 82 5.97 4.18 4.56
C TRP A 82 4.98 3.14 5.05
N HIS A 83 3.77 3.13 4.47
CA HIS A 83 2.84 2.03 4.73
C HIS A 83 2.12 1.73 3.43
N ILE A 84 1.92 0.45 3.15
CA ILE A 84 1.27 0.02 1.90
C ILE A 84 0.35 -1.14 2.18
N GLY A 85 -0.59 -1.36 1.25
CA GLY A 85 -1.43 -2.56 1.32
C GLY A 85 -2.65 -2.34 0.42
N VAL A 86 -3.81 -2.76 0.96
CA VAL A 86 -5.06 -2.58 0.22
C VAL A 86 -6.08 -1.95 1.13
N CYS A 87 -7.10 -1.34 0.51
CA CYS A 87 -8.23 -0.88 1.32
C CYS A 87 -9.52 -1.03 0.53
N SER A 88 -10.61 -1.05 1.28
CA SER A 88 -11.94 -1.13 0.67
CA SER A 88 -11.93 -1.13 0.66
C SER A 88 -12.30 0.16 -0.06
N LYS A 89 -13.08 0.01 -1.15
CA LYS A 89 -13.53 1.19 -1.88
C LYS A 89 -14.27 2.17 -0.98
N ASN A 90 -14.97 1.64 0.04
CA ASN A 90 -15.87 2.44 0.86
C ASN A 90 -15.23 2.92 2.17
N VAL A 91 -13.89 2.95 2.27
CA VAL A 91 -13.28 3.51 3.49
C VAL A 91 -13.67 4.99 3.66
N GLN A 92 -13.56 5.46 4.90
CA GLN A 92 -13.83 6.85 5.18
C GLN A 92 -12.65 7.70 4.70
N ARG A 93 -12.87 8.53 3.66
CA ARG A 93 -11.78 9.34 3.13
C ARG A 93 -11.75 10.74 3.74
N LYS A 94 -12.85 11.15 4.39
CA LYS A 94 -12.94 12.48 4.97
C LYS A 94 -12.89 12.37 6.49
N GLY A 95 -12.02 13.18 7.08
CA GLY A 95 -11.83 13.14 8.53
C GLY A 95 -11.01 11.92 8.96
N TRP A 96 -10.80 11.78 10.28
CA TRP A 96 -9.94 10.73 10.78
C TRP A 96 -10.75 9.45 11.03
N VAL A 97 -10.12 8.36 10.63
CA VAL A 97 -10.47 7.01 11.05
C VAL A 97 -9.13 6.34 11.32
N LYS A 98 -9.10 5.40 12.26
CA LYS A 98 -7.88 4.64 12.43
C LYS A 98 -7.75 3.66 11.25
N MET A 99 -6.55 3.59 10.66
CA MET A 99 -6.33 2.63 9.59
C MET A 99 -6.15 1.24 10.18
N THR A 100 -7.25 0.45 10.13
CA THR A 100 -7.27 -0.88 10.72
C THR A 100 -8.15 -1.75 9.83
N PRO A 101 -8.03 -3.10 9.91
CA PRO A 101 -8.91 -3.98 9.13
C PRO A 101 -10.40 -3.75 9.36
N GLU A 102 -10.79 -3.45 10.62
CA GLU A 102 -12.20 -3.22 10.93
C GLU A 102 -12.72 -2.00 10.15
N ASN A 103 -11.82 -1.04 9.84
CA ASN A 103 -12.19 0.14 9.10
C ASN A 103 -11.85 0.02 7.62
N GLY A 104 -11.48 -1.19 7.17
CA GLY A 104 -11.35 -1.42 5.75
C GLY A 104 -9.94 -1.21 5.20
N PHE A 105 -8.93 -1.25 6.08
CA PHE A 105 -7.54 -1.10 5.61
C PHE A 105 -6.73 -2.32 6.03
N TRP A 106 -5.97 -2.90 5.08
CA TRP A 106 -5.08 -4.02 5.38
C TRP A 106 -3.69 -3.63 4.92
N THR A 107 -2.92 -3.08 5.86
CA THR A 107 -1.65 -2.44 5.52
C THR A 107 -0.59 -2.79 6.55
N MET A 108 0.66 -2.66 6.09
CA MET A 108 1.81 -2.77 6.99
C MET A 108 2.86 -1.77 6.52
N GLY A 109 3.87 -1.59 7.36
CA GLY A 109 4.95 -0.73 6.88
C GLY A 109 5.98 -0.44 7.96
N LEU A 110 6.64 0.68 7.77
CA LEU A 110 7.81 1.08 8.54
C LEU A 110 7.58 2.47 9.13
N THR A 111 7.99 2.66 10.39
CA THR A 111 7.98 4.00 10.99
C THR A 111 9.32 4.17 11.70
N ASP A 112 9.75 5.43 11.82
CA ASP A 112 10.89 5.74 12.67
C ASP A 112 12.15 4.96 12.27
N GLY A 113 12.28 4.68 10.96
CA GLY A 113 13.50 4.13 10.39
C GLY A 113 13.62 2.61 10.53
N ASN A 114 13.18 2.04 11.67
CA ASN A 114 13.47 0.63 11.92
C ASN A 114 12.36 -0.07 12.69
N LYS A 115 11.16 0.55 12.75
CA LYS A 115 10.06 -0.11 13.44
C LYS A 115 9.04 -0.58 12.41
N TYR A 116 9.07 -1.88 12.09
CA TYR A 116 8.09 -2.45 11.17
C TYR A 116 6.84 -2.85 11.95
N ARG A 117 5.66 -2.57 11.38
CA ARG A 117 4.42 -2.88 12.07
C ARG A 117 3.38 -3.37 11.05
N THR A 118 2.41 -4.14 11.54
CA THR A 118 1.14 -4.31 10.84
C THR A 118 0.14 -3.34 11.44
N LEU A 119 -0.69 -2.74 10.58
CA LEU A 119 -1.64 -1.75 11.05
C LEU A 119 -2.93 -2.44 11.46
N THR A 120 -2.80 -3.21 12.54
CA THR A 120 -3.91 -3.89 13.19
C THR A 120 -4.35 -3.06 14.39
N GLU A 121 -5.39 -3.55 15.08
CA GLU A 121 -5.87 -2.92 16.30
C GLU A 121 -5.77 -3.92 17.45
N PRO A 122 -4.81 -3.81 18.38
CA PRO A 122 -3.74 -2.80 18.34
C PRO A 122 -2.66 -3.13 17.30
N ARG A 123 -1.78 -2.15 17.03
CA ARG A 123 -0.71 -2.38 16.08
C ARG A 123 0.16 -3.51 16.61
N THR A 124 0.73 -4.28 15.68
CA THR A 124 1.62 -5.38 16.00
C THR A 124 3.01 -5.09 15.45
N ASN A 125 4.04 -5.34 16.26
CA ASN A 125 5.38 -5.14 15.78
C ASN A 125 5.81 -6.38 15.00
N LEU A 126 6.48 -6.16 13.86
CA LEU A 126 7.04 -7.25 13.09
C LEU A 126 8.54 -7.32 13.36
N LYS A 127 9.11 -8.51 13.28
CA LYS A 127 10.55 -8.68 13.45
C LYS A 127 11.10 -9.16 12.12
N LEU A 128 11.78 -8.28 11.39
CA LEU A 128 12.29 -8.68 10.08
C LEU A 128 13.81 -8.82 10.14
N PRO A 129 14.37 -9.98 9.69
CA PRO A 129 15.81 -10.23 9.79
C PRO A 129 16.61 -9.22 8.97
N LYS A 130 16.05 -8.79 7.83
CA LYS A 130 16.72 -7.87 6.94
C LYS A 130 15.71 -6.79 6.55
N PRO A 131 16.11 -5.51 6.48
CA PRO A 131 15.17 -4.47 6.08
C PRO A 131 14.88 -4.65 4.57
N PRO A 132 13.60 -4.73 4.13
CA PRO A 132 13.34 -4.83 2.70
C PRO A 132 13.57 -3.52 1.95
N LYS A 133 14.00 -3.64 0.69
CA LYS A 133 14.11 -2.51 -0.22
C LYS A 133 12.98 -2.55 -1.25
N LYS A 134 12.44 -3.74 -1.53
CA LYS A 134 11.31 -3.87 -2.46
C LYS A 134 10.33 -4.86 -1.85
N VAL A 135 9.04 -4.51 -1.86
CA VAL A 135 8.02 -5.32 -1.18
C VAL A 135 6.99 -5.71 -2.21
N GLY A 136 6.69 -7.02 -2.24
CA GLY A 136 5.59 -7.52 -3.04
C GLY A 136 4.30 -7.61 -2.22
N VAL A 137 3.21 -7.09 -2.80
CA VAL A 137 1.89 -7.11 -2.17
C VAL A 137 1.00 -8.03 -3.00
N PHE A 138 0.43 -9.05 -2.32
CA PHE A 138 -0.28 -10.13 -2.98
C PHE A 138 -1.69 -10.23 -2.43
N LEU A 139 -2.68 -10.26 -3.35
CA LEU A 139 -4.08 -10.37 -2.97
C LEU A 139 -4.65 -11.66 -3.57
N ASP A 140 -5.31 -12.46 -2.72
CA ASP A 140 -6.17 -13.54 -3.19
C ASP A 140 -7.59 -13.25 -2.69
N TYR A 141 -8.45 -12.75 -3.59
CA TYR A 141 -9.72 -12.20 -3.15
C TYR A 141 -10.57 -13.33 -2.57
N GLU A 142 -10.59 -14.48 -3.25
CA GLU A 142 -11.49 -15.58 -2.89
C GLU A 142 -11.09 -16.23 -1.57
N THR A 143 -9.78 -16.37 -1.30
CA THR A 143 -9.36 -17.01 -0.06
C THR A 143 -9.32 -16.00 1.08
N GLY A 144 -9.28 -14.70 0.72
CA GLY A 144 -9.25 -13.65 1.72
C GLY A 144 -7.86 -13.40 2.28
N ASP A 145 -6.81 -13.66 1.49
CA ASP A 145 -5.45 -13.50 2.00
C ASP A 145 -4.79 -12.28 1.33
N ILE A 146 -4.18 -11.43 2.16
CA ILE A 146 -3.32 -10.36 1.68
C ILE A 146 -1.94 -10.59 2.30
N SER A 147 -0.93 -10.76 1.44
N SER A 147 -0.94 -10.75 1.43
CA SER A 147 0.39 -11.18 1.91
CA SER A 147 0.39 -11.12 1.90
C SER A 147 1.47 -10.27 1.34
C SER A 147 1.40 -10.10 1.42
N PHE A 148 2.51 -10.06 2.16
CA PHE A 148 3.61 -9.17 1.85
C PHE A 148 4.89 -9.99 1.90
N TYR A 149 5.72 -9.79 0.86
CA TYR A 149 6.99 -10.49 0.76
C TYR A 149 8.10 -9.48 0.47
N ASN A 150 9.32 -9.84 0.91
CA ASN A 150 10.50 -9.15 0.45
C ASN A 150 10.73 -9.62 -1.00
N ALA A 151 10.60 -8.70 -1.96
CA ALA A 151 10.61 -9.07 -3.38
C ALA A 151 12.01 -9.34 -3.94
N VAL A 152 13.05 -9.16 -3.12
CA VAL A 152 14.40 -9.49 -3.56
C VAL A 152 14.76 -10.91 -3.12
N ASP A 153 14.52 -11.26 -1.84
CA ASP A 153 14.92 -12.59 -1.38
C ASP A 153 13.75 -13.56 -1.21
N GLY A 154 12.51 -13.10 -1.41
CA GLY A 154 11.38 -14.02 -1.37
C GLY A 154 10.87 -14.28 0.05
N SER A 155 11.49 -13.65 1.05
CA SER A 155 11.11 -13.94 2.44
C SER A 155 9.73 -13.37 2.77
N HIS A 156 9.02 -14.06 3.66
CA HIS A 156 7.68 -13.65 4.06
C HIS A 156 7.76 -12.53 5.09
N ILE A 157 6.92 -11.49 4.92
CA ILE A 157 6.84 -10.39 5.86
C ILE A 157 5.60 -10.56 6.75
N HIS A 158 4.41 -10.66 6.12
CA HIS A 158 3.19 -10.77 6.91
C HIS A 158 2.05 -11.22 6.01
N THR A 159 1.08 -11.98 6.55
CA THR A 159 -0.16 -12.26 5.84
C THR A 159 -1.35 -11.95 6.75
N PHE A 160 -2.31 -11.19 6.20
CA PHE A 160 -3.65 -11.13 6.77
C PHE A 160 -4.43 -12.32 6.20
N LEU A 161 -4.86 -13.22 7.09
CA LEU A 161 -5.50 -14.49 6.70
C LEU A 161 -7.03 -14.45 6.75
N ASP A 162 -7.65 -15.04 5.73
CA ASP A 162 -9.05 -15.44 5.75
C ASP A 162 -9.99 -14.25 6.00
N VAL A 163 -9.74 -13.13 5.32
CA VAL A 163 -10.60 -11.97 5.46
C VAL A 163 -11.84 -12.17 4.61
N SER A 164 -13.02 -11.77 5.10
CA SER A 164 -14.21 -11.94 4.27
C SER A 164 -14.49 -10.66 3.50
N PHE A 165 -13.84 -10.49 2.34
CA PHE A 165 -13.99 -9.25 1.60
C PHE A 165 -15.38 -9.18 0.96
N SER A 166 -16.00 -8.01 1.03
CA SER A 166 -17.23 -7.84 0.27
C SER A 166 -17.15 -6.67 -0.72
N GLU A 167 -16.32 -5.67 -0.43
CA GLU A 167 -16.20 -4.50 -1.26
C GLU A 167 -15.07 -4.68 -2.27
N ALA A 168 -15.04 -3.86 -3.33
CA ALA A 168 -13.85 -3.79 -4.17
C ALA A 168 -12.65 -3.29 -3.36
N LEU A 169 -11.46 -3.74 -3.75
CA LEU A 169 -10.23 -3.40 -3.02
C LEU A 169 -9.30 -2.60 -3.92
N TYR A 170 -8.72 -1.53 -3.34
CA TYR A 170 -7.74 -0.74 -4.08
C TYR A 170 -6.36 -0.89 -3.45
N PRO A 171 -5.27 -0.89 -4.25
CA PRO A 171 -3.95 -0.64 -3.67
C PRO A 171 -3.96 0.72 -2.97
N VAL A 172 -3.33 0.78 -1.78
CA VAL A 172 -3.22 2.05 -1.06
C VAL A 172 -1.77 2.22 -0.60
N PHE A 173 -1.38 3.51 -0.53
CA PHE A 173 -0.04 3.90 -0.17
C PHE A 173 -0.15 5.10 0.74
N ARG A 174 0.72 5.14 1.76
CA ARG A 174 0.72 6.25 2.72
C ARG A 174 2.15 6.64 3.03
N ILE A 175 2.44 7.96 2.99
CA ILE A 175 3.74 8.44 3.47
C ILE A 175 3.52 9.67 4.35
N LEU A 176 4.20 9.67 5.50
CA LEU A 176 3.98 10.77 6.45
C LEU A 176 5.13 11.78 6.40
N THR A 177 6.33 11.33 6.02
CA THR A 177 7.56 12.10 6.22
C THR A 177 8.05 12.77 4.94
N LEU A 178 8.92 13.77 5.14
CA LEU A 178 9.66 14.48 4.09
C LEU A 178 11.06 13.89 4.04
N GLU A 179 11.34 13.17 2.96
CA GLU A 179 12.58 12.44 2.80
C GLU A 179 13.00 12.55 1.35
N PRO A 180 14.30 12.36 1.03
CA PRO A 180 14.74 12.46 -0.37
C PRO A 180 14.26 11.36 -1.30
N THR A 181 13.95 10.17 -0.76
CA THR A 181 13.58 9.02 -1.57
C THR A 181 12.06 8.90 -1.61
N ALA A 182 11.51 8.77 -2.82
CA ALA A 182 10.07 8.60 -3.03
C ALA A 182 9.63 7.18 -2.71
N LEU A 183 8.31 6.98 -2.66
CA LEU A 183 7.76 5.62 -2.66
C LEU A 183 7.29 5.31 -4.09
N THR A 184 7.77 4.21 -4.68
CA THR A 184 7.61 4.03 -6.13
C THR A 184 7.12 2.62 -6.45
N ILE A 185 6.14 2.51 -7.35
CA ILE A 185 5.62 1.25 -7.84
C ILE A 185 6.52 0.74 -8.97
N CYS A 186 6.85 -0.57 -8.94
CA CYS A 186 7.56 -1.20 -10.04
C CYS A 186 6.55 -1.50 -11.16
N PRO A 187 6.82 -1.10 -12.40
CA PRO A 187 5.88 -1.38 -13.50
C PRO A 187 5.81 -2.89 -13.76
N ALA A 188 4.64 -3.36 -14.21
CA ALA A 188 4.33 -4.78 -14.32
C ALA A 188 5.29 -5.48 -15.30
#